data_5CUO
#
_entry.id   5CUO
#
_cell.length_a   57.740
_cell.length_b   56.443
_cell.length_c   150.438
_cell.angle_alpha   90.00
_cell.angle_beta   90.00
_cell.angle_gamma   90.00
#
_symmetry.space_group_name_H-M   'P 21 21 21'
#
loop_
_entity.id
_entity.type
_entity.pdbx_description
1 polymer 'Phosphate propanoyltransferase'
2 non-polymer 'COENZYME A'
3 non-polymer 'ZINC ION'
4 water water
#
_entity_poly.entity_id   1
_entity_poly.type   'polypeptide(L)'
_entity_poly.pdbx_seq_one_letter_code
;MGVDPFQVAVGVSNRHIHLSRTDMDTLFGPGAELQRKKAMKQPGQFAAEETVTLKGPKGSLSKVRVLGPLRRETQVEVSV
ADGFALGITPPLRQSGQLDDTPGLTIIGPQGSVTKDHGVIVAQRHIHMHPSTAAKLGLRNGDEVDVEAGGERGGVMHRVL
IRVAEASADEMHIDVEEANALCLKNDDVVRICKKLEHHHHHH
;
_entity_poly.pdbx_strand_id   A,B
#
# COMPACT_ATOMS: atom_id res chain seq x y z
N PRO A 5 -12.11 3.44 25.58
CA PRO A 5 -12.20 4.90 25.69
C PRO A 5 -12.05 5.59 24.34
N PHE A 6 -10.85 6.09 24.03
CA PHE A 6 -10.57 6.70 22.73
C PHE A 6 -9.97 5.66 21.79
N GLN A 7 -10.06 4.39 22.17
CA GLN A 7 -9.56 3.30 21.35
C GLN A 7 -10.65 2.78 20.42
N VAL A 8 -10.27 2.47 19.18
CA VAL A 8 -11.21 1.93 18.21
C VAL A 8 -10.57 0.83 17.36
N ALA A 9 -11.38 -0.16 17.01
CA ALA A 9 -10.92 -1.31 16.26
C ALA A 9 -10.76 -0.94 14.79
N VAL A 10 -9.81 -1.59 14.12
CA VAL A 10 -9.55 -1.33 12.71
C VAL A 10 -10.27 -2.35 11.84
N GLY A 11 -10.83 -1.86 10.73
CA GLY A 11 -11.36 -2.71 9.69
C GLY A 11 -10.68 -2.35 8.39
N VAL A 12 -9.99 -3.32 7.81
CA VAL A 12 -9.17 -3.10 6.64
C VAL A 12 -9.89 -3.55 5.37
N SER A 13 -9.93 -2.69 4.37
CA SER A 13 -10.71 -2.97 3.16
C SER A 13 -9.83 -3.24 1.94
N ASN A 14 -9.96 -4.44 1.41
CA ASN A 14 -9.45 -4.72 0.09
C ASN A 14 -10.40 -4.13 -0.94
N ARG A 15 -9.95 -4.06 -2.18
CA ARG A 15 -10.83 -3.60 -3.27
C ARG A 15 -12.13 -4.39 -3.26
N HIS A 16 -13.24 -3.72 -3.59
CA HIS A 16 -14.54 -4.40 -3.60
C HIS A 16 -15.56 -3.53 -4.31
N ILE A 17 -16.77 -4.07 -4.44
CA ILE A 17 -17.82 -3.40 -5.15
C ILE A 17 -19.17 -3.52 -4.41
N HIS A 18 -19.94 -2.45 -4.50
CA HIS A 18 -21.34 -2.45 -4.07
C HIS A 18 -22.17 -2.34 -5.33
N LEU A 19 -23.25 -3.11 -5.44
CA LEU A 19 -24.05 -3.18 -6.66
C LEU A 19 -25.47 -2.66 -6.50
N SER A 20 -25.96 -2.05 -7.57
CA SER A 20 -27.38 -1.73 -7.73
C SER A 20 -28.14 -2.97 -8.16
N ARG A 21 -29.45 -2.99 -7.96
CA ARG A 21 -30.25 -4.07 -8.51
C ARG A 21 -30.10 -4.18 -10.05
N THR A 22 -30.06 -3.05 -10.75
CA THR A 22 -29.99 -3.10 -12.22
C THR A 22 -28.71 -3.83 -12.61
N ASP A 23 -27.60 -3.50 -11.97
CA ASP A 23 -26.33 -4.09 -12.34
C ASP A 23 -26.21 -5.53 -11.84
N MET A 24 -26.81 -5.81 -10.68
CA MET A 24 -26.86 -7.16 -10.15
C MET A 24 -27.54 -8.10 -11.15
N ASP A 25 -28.65 -7.65 -11.71
CA ASP A 25 -29.40 -8.45 -12.68
C ASP A 25 -28.54 -8.76 -13.90
N THR A 26 -27.82 -7.76 -14.39
CA THR A 26 -26.97 -7.94 -15.57
C THR A 26 -25.82 -8.90 -15.29
N LEU A 27 -25.13 -8.70 -14.18
CA LEU A 27 -23.92 -9.44 -13.87
C LEU A 27 -24.20 -10.85 -13.39
N PHE A 28 -25.27 -11.03 -12.60
CA PHE A 28 -25.55 -12.32 -11.97
C PHE A 28 -26.89 -12.95 -12.33
N GLY A 29 -27.72 -12.25 -13.10
CA GLY A 29 -28.95 -12.82 -13.65
C GLY A 29 -30.16 -12.13 -13.07
N PRO A 30 -31.23 -12.03 -13.85
CA PRO A 30 -32.40 -11.33 -13.30
C PRO A 30 -32.92 -11.94 -12.00
N GLY A 31 -33.02 -11.10 -10.99
CA GLY A 31 -33.59 -11.49 -9.70
C GLY A 31 -32.62 -12.21 -8.80
N ALA A 32 -31.37 -12.33 -9.24
CA ALA A 32 -30.35 -12.98 -8.43
C ALA A 32 -30.16 -12.26 -7.09
N GLU A 33 -29.90 -13.04 -6.05
CA GLU A 33 -29.70 -12.52 -4.71
C GLU A 33 -28.28 -12.85 -4.25
N LEU A 34 -27.67 -11.92 -3.52
CA LEU A 34 -26.35 -12.13 -2.94
C LEU A 34 -26.36 -13.23 -1.88
N GLN A 35 -25.32 -14.05 -1.87
CA GLN A 35 -25.15 -15.05 -0.81
C GLN A 35 -24.17 -14.53 0.23
N ARG A 36 -24.58 -14.58 1.51
CA ARG A 36 -23.73 -14.12 2.60
C ARG A 36 -22.54 -15.04 2.81
N LYS A 37 -21.35 -14.47 2.84
CA LYS A 37 -20.13 -15.23 3.13
C LYS A 37 -19.65 -14.91 4.54
N LYS A 38 -19.63 -13.63 4.89
CA LYS A 38 -19.14 -13.19 6.20
C LYS A 38 -19.72 -11.84 6.56
N ALA A 39 -20.19 -11.72 7.79
CA ALA A 39 -20.71 -10.46 8.29
C ALA A 39 -19.58 -9.48 8.56
N MET A 40 -19.74 -8.25 8.09
CA MET A 40 -18.87 -7.14 8.49
C MET A 40 -19.27 -6.65 9.88
N LYS A 41 -18.45 -5.76 10.45
CA LYS A 41 -18.75 -5.19 11.76
C LYS A 41 -19.96 -4.26 11.72
N GLN A 42 -20.16 -3.59 10.59
CA GLN A 42 -21.26 -2.65 10.49
C GLN A 42 -22.57 -3.41 10.32
N PRO A 43 -23.59 -3.05 11.13
CA PRO A 43 -24.89 -3.72 11.08
C PRO A 43 -25.47 -3.84 9.67
N GLY A 44 -25.85 -5.06 9.29
CA GLY A 44 -26.46 -5.31 8.01
C GLY A 44 -25.49 -5.59 6.86
N GLN A 45 -24.23 -5.22 7.03
CA GLN A 45 -23.25 -5.31 5.94
C GLN A 45 -22.54 -6.65 5.89
N PHE A 46 -22.26 -7.15 4.70
CA PHE A 46 -21.62 -8.45 4.58
C PHE A 46 -20.83 -8.62 3.28
N ALA A 47 -19.78 -9.44 3.37
CA ALA A 47 -19.07 -9.91 2.19
C ALA A 47 -19.86 -11.01 1.54
N ALA A 48 -20.09 -10.89 0.24
CA ALA A 48 -20.84 -11.92 -0.48
C ALA A 48 -19.92 -13.00 -1.03
N GLU A 49 -20.50 -14.13 -1.40
CA GLU A 49 -19.78 -15.17 -2.10
C GLU A 49 -19.44 -14.68 -3.51
N GLU A 50 -20.27 -13.79 -4.04
CA GLU A 50 -20.10 -13.30 -5.40
C GLU A 50 -18.86 -12.42 -5.54
N THR A 51 -18.22 -12.54 -6.70
CA THR A 51 -17.07 -11.71 -7.07
C THR A 51 -17.22 -11.32 -8.53
N VAL A 52 -16.58 -10.22 -8.91
CA VAL A 52 -16.54 -9.79 -10.31
C VAL A 52 -15.11 -9.56 -10.78
N THR A 53 -14.95 -9.38 -12.09
CA THR A 53 -13.70 -8.88 -12.66
C THR A 53 -13.87 -7.40 -13.02
N LEU A 54 -12.89 -6.58 -12.64
CA LEU A 54 -12.84 -5.18 -13.04
C LEU A 54 -11.85 -5.01 -14.17
N LYS A 55 -12.26 -4.29 -15.20
CA LYS A 55 -11.46 -4.09 -16.40
C LYS A 55 -11.39 -2.62 -16.77
N GLY A 56 -10.17 -2.09 -16.79
CA GLY A 56 -9.92 -0.72 -17.20
C GLY A 56 -9.08 -0.71 -18.45
N PRO A 57 -8.73 0.50 -18.91
CA PRO A 57 -7.98 0.73 -20.16
C PRO A 57 -6.65 -0.02 -20.20
N LYS A 58 -6.02 -0.19 -19.04
CA LYS A 58 -4.67 -0.75 -18.98
C LYS A 58 -4.66 -2.23 -18.59
N GLY A 59 -5.49 -2.60 -17.64
CA GLY A 59 -5.55 -3.98 -17.19
C GLY A 59 -6.76 -4.28 -16.34
N SER A 60 -6.79 -5.50 -15.82
CA SER A 60 -7.90 -5.98 -15.03
C SER A 60 -7.48 -6.44 -13.63
N LEU A 61 -8.46 -6.45 -12.73
CA LEU A 61 -8.32 -7.01 -11.41
C LEU A 61 -9.39 -8.08 -11.25
N SER A 62 -9.01 -9.25 -10.75
CA SER A 62 -9.95 -10.36 -10.65
C SER A 62 -10.30 -10.69 -9.20
N LYS A 63 -11.37 -11.48 -9.03
CA LYS A 63 -11.79 -11.92 -7.72
C LYS A 63 -12.15 -10.73 -6.83
N VAL A 64 -12.79 -9.73 -7.41
CA VAL A 64 -13.16 -8.54 -6.65
C VAL A 64 -14.46 -8.80 -5.90
N ARG A 65 -14.38 -8.77 -4.58
CA ARG A 65 -15.49 -9.10 -3.72
C ARG A 65 -16.70 -8.15 -3.79
N VAL A 66 -17.90 -8.73 -3.86
CA VAL A 66 -19.12 -7.94 -3.76
C VAL A 66 -19.54 -7.85 -2.29
N LEU A 67 -19.85 -6.63 -1.85
CA LEU A 67 -20.33 -6.39 -0.50
C LEU A 67 -21.82 -6.14 -0.54
N GLY A 68 -22.58 -6.83 0.31
CA GLY A 68 -24.02 -6.65 0.40
C GLY A 68 -24.41 -5.85 1.62
N PRO A 69 -25.67 -5.41 1.66
CA PRO A 69 -26.72 -5.65 0.66
C PRO A 69 -26.54 -4.77 -0.57
N LEU A 70 -27.37 -5.03 -1.57
CA LEU A 70 -27.46 -4.17 -2.72
C LEU A 70 -27.82 -2.75 -2.31
N ARG A 71 -27.37 -1.78 -3.10
CA ARG A 71 -27.53 -0.37 -2.82
C ARG A 71 -28.24 0.31 -3.97
N ARG A 72 -28.56 1.59 -3.80
CA ARG A 72 -29.26 2.35 -4.82
C ARG A 72 -28.42 2.54 -6.09
N GLU A 73 -27.10 2.56 -5.91
CA GLU A 73 -26.16 2.93 -6.96
C GLU A 73 -24.85 2.14 -6.81
N THR A 74 -24.34 1.63 -7.92
CA THR A 74 -23.10 0.87 -7.91
C THR A 74 -21.94 1.79 -7.51
N GLN A 75 -21.07 1.26 -6.65
CA GLN A 75 -19.89 1.96 -6.16
C GLN A 75 -18.72 1.00 -6.10
N VAL A 76 -17.61 1.39 -6.72
CA VAL A 76 -16.39 0.57 -6.75
C VAL A 76 -15.29 1.23 -5.92
N GLU A 77 -14.75 0.50 -4.95
CA GLU A 77 -13.67 1.03 -4.11
C GLU A 77 -12.38 0.27 -4.38
N VAL A 78 -11.35 1.00 -4.79
CA VAL A 78 -10.06 0.40 -5.16
C VAL A 78 -8.94 1.21 -4.52
N SER A 79 -7.74 0.63 -4.44
CA SER A 79 -6.61 1.35 -3.90
C SER A 79 -5.99 2.27 -4.94
N VAL A 80 -5.10 3.15 -4.48
CA VAL A 80 -4.34 3.98 -5.39
C VAL A 80 -3.58 3.07 -6.37
N ALA A 81 -2.92 2.04 -5.84
CA ALA A 81 -2.18 1.10 -6.65
C ALA A 81 -3.08 0.44 -7.69
N ASP A 82 -4.29 0.10 -7.28
CA ASP A 82 -5.26 -0.54 -8.15
C ASP A 82 -5.62 0.38 -9.33
N GLY A 83 -5.76 1.66 -9.02
CA GLY A 83 -5.96 2.66 -10.06
C GLY A 83 -4.91 2.61 -11.14
N PHE A 84 -3.65 2.51 -10.75
CA PHE A 84 -2.57 2.44 -11.74
C PHE A 84 -2.62 1.13 -12.52
N ALA A 85 -2.97 0.04 -11.85
CA ALA A 85 -3.09 -1.24 -12.54
C ALA A 85 -4.22 -1.20 -13.58
N LEU A 86 -5.33 -0.56 -13.24
CA LEU A 86 -6.49 -0.50 -14.14
C LEU A 86 -6.32 0.51 -15.27
N GLY A 87 -5.63 1.60 -14.96
CA GLY A 87 -5.42 2.66 -15.93
C GLY A 87 -6.41 3.80 -15.75
N ILE A 88 -6.82 4.04 -14.50
CA ILE A 88 -7.69 5.18 -14.19
C ILE A 88 -7.18 5.93 -12.97
N THR A 89 -7.71 7.13 -12.77
CA THR A 89 -7.38 7.95 -11.61
C THR A 89 -8.62 8.25 -10.77
N PRO A 90 -8.93 7.36 -9.82
CA PRO A 90 -10.09 7.59 -8.96
C PRO A 90 -9.79 8.64 -7.91
N PRO A 91 -10.73 9.58 -7.66
CA PRO A 91 -10.52 10.55 -6.59
C PRO A 91 -10.69 9.94 -5.22
N LEU A 92 -10.12 10.60 -4.22
CA LEU A 92 -10.25 10.18 -2.83
C LEU A 92 -11.59 10.65 -2.27
N ARG A 93 -12.47 9.72 -1.94
CA ARG A 93 -13.85 10.07 -1.55
C ARG A 93 -14.41 9.28 -0.38
N GLN A 94 -15.38 9.90 0.30
CA GLN A 94 -16.25 9.21 1.23
C GLN A 94 -17.29 8.43 0.43
N SER A 95 -17.86 7.40 1.04
CA SER A 95 -18.84 6.56 0.38
C SER A 95 -19.99 7.42 -0.12
N GLY A 96 -20.43 7.15 -1.35
CA GLY A 96 -21.55 7.88 -1.92
C GLY A 96 -21.22 9.19 -2.60
N GLN A 97 -20.00 9.68 -2.42
CA GLN A 97 -19.58 10.92 -3.09
C GLN A 97 -18.96 10.60 -4.43
N LEU A 98 -19.80 10.34 -5.42
CA LEU A 98 -19.35 9.77 -6.69
C LEU A 98 -19.45 10.73 -7.88
N ASP A 99 -19.67 12.03 -7.61
CA ASP A 99 -19.62 13.03 -8.68
C ASP A 99 -18.23 13.05 -9.31
N ASP A 100 -18.20 13.14 -10.64
CA ASP A 100 -16.95 13.29 -11.37
C ASP A 100 -15.96 12.17 -11.06
N THR A 101 -16.45 10.94 -11.07
CA THR A 101 -15.61 9.77 -10.87
C THR A 101 -15.50 9.00 -12.17
N PRO A 102 -14.37 8.32 -12.37
CA PRO A 102 -14.20 7.48 -13.56
C PRO A 102 -15.01 6.21 -13.43
N GLY A 103 -15.20 5.54 -14.56
CA GLY A 103 -15.80 4.22 -14.58
C GLY A 103 -14.87 3.13 -15.02
N LEU A 104 -15.46 1.97 -15.25
CA LEU A 104 -14.74 0.72 -15.47
C LEU A 104 -15.73 -0.24 -16.11
N THR A 105 -15.23 -1.33 -16.66
CA THR A 105 -16.11 -2.41 -17.08
C THR A 105 -16.15 -3.45 -15.96
N ILE A 106 -17.35 -3.84 -15.58
CA ILE A 106 -17.58 -4.83 -14.53
C ILE A 106 -18.07 -6.08 -15.24
N ILE A 107 -17.37 -7.19 -14.98
CA ILE A 107 -17.61 -8.45 -15.66
C ILE A 107 -18.07 -9.48 -14.65
N GLY A 108 -19.24 -10.06 -14.92
CA GLY A 108 -19.81 -11.10 -14.10
C GLY A 108 -20.10 -12.35 -14.90
N PRO A 109 -20.62 -13.37 -14.23
CA PRO A 109 -20.84 -14.66 -14.91
C PRO A 109 -21.96 -14.60 -15.95
N GLN A 110 -22.97 -13.76 -15.71
CA GLN A 110 -24.16 -13.75 -16.57
C GLN A 110 -24.21 -12.53 -17.50
N GLY A 111 -23.28 -11.59 -17.31
CA GLY A 111 -23.19 -10.42 -18.16
C GLY A 111 -22.10 -9.47 -17.73
N SER A 112 -21.99 -8.36 -18.45
CA SER A 112 -21.03 -7.29 -18.15
C SER A 112 -21.71 -5.93 -18.33
N VAL A 113 -21.17 -4.89 -17.70
CA VAL A 113 -21.71 -3.54 -17.86
C VAL A 113 -20.55 -2.57 -17.75
N THR A 114 -20.49 -1.59 -18.66
CA THR A 114 -19.46 -0.57 -18.60
C THR A 114 -20.04 0.65 -17.95
N LYS A 115 -19.59 0.93 -16.74
CA LYS A 115 -20.04 2.11 -16.00
C LYS A 115 -19.27 3.36 -16.41
N ASP A 116 -19.97 4.48 -16.45
CA ASP A 116 -19.37 5.77 -16.80
C ASP A 116 -18.91 6.54 -15.56
N HIS A 117 -19.17 5.97 -14.39
CA HIS A 117 -18.78 6.58 -13.12
C HIS A 117 -18.88 5.60 -11.96
N GLY A 118 -18.29 5.96 -10.82
CA GLY A 118 -18.56 5.28 -9.56
C GLY A 118 -17.34 4.67 -8.87
N VAL A 119 -16.15 4.85 -9.46
CA VAL A 119 -14.94 4.31 -8.86
C VAL A 119 -14.24 5.38 -8.01
N ILE A 120 -13.97 5.02 -6.76
CA ILE A 120 -13.25 5.90 -5.84
C ILE A 120 -12.10 5.17 -5.13
N VAL A 121 -11.10 5.94 -4.70
CA VAL A 121 -10.21 5.50 -3.64
C VAL A 121 -10.91 5.87 -2.33
N ALA A 122 -11.11 4.92 -1.44
CA ALA A 122 -11.80 5.19 -0.18
C ALA A 122 -10.99 6.10 0.70
N GLN A 123 -11.62 7.18 1.15
CA GLN A 123 -11.04 8.04 2.16
C GLN A 123 -11.32 7.49 3.55
N ARG A 124 -10.29 7.43 4.37
CA ARG A 124 -10.39 6.86 5.70
C ARG A 124 -11.40 7.61 6.56
N HIS A 125 -11.97 6.90 7.51
CA HIS A 125 -13.06 7.43 8.32
C HIS A 125 -13.29 6.52 9.53
N ILE A 126 -13.96 7.05 10.55
CA ILE A 126 -14.38 6.24 11.69
C ILE A 126 -15.91 6.21 11.79
N HIS A 127 -16.48 5.01 11.71
CA HIS A 127 -17.89 4.81 12.02
C HIS A 127 -18.03 4.83 13.53
N MET A 128 -19.03 5.55 14.03
CA MET A 128 -19.20 5.74 15.46
C MET A 128 -20.68 5.75 15.84
N HIS A 129 -21.02 4.99 16.88
CA HIS A 129 -22.37 4.98 17.43
C HIS A 129 -22.62 6.28 18.20
N PRO A 130 -23.85 6.83 18.12
CA PRO A 130 -24.17 8.11 18.79
C PRO A 130 -23.80 8.16 20.27
N SER A 131 -23.96 7.06 20.99
CA SER A 131 -23.59 7.01 22.40
C SER A 131 -22.09 7.22 22.59
N THR A 132 -21.30 6.51 21.78
CA THR A 132 -19.85 6.65 21.79
C THR A 132 -19.43 8.06 21.41
N ALA A 133 -20.09 8.63 20.40
CA ALA A 133 -19.81 10.00 19.99
C ALA A 133 -20.07 10.97 21.12
N ALA A 134 -21.16 10.74 21.85
CA ALA A 134 -21.52 11.58 23.00
C ALA A 134 -20.43 11.53 24.06
N LYS A 135 -20.04 10.31 24.43
CA LYS A 135 -19.00 10.10 25.43
C LYS A 135 -17.70 10.83 25.11
N LEU A 136 -17.33 10.82 23.83
CA LEU A 136 -16.06 11.41 23.40
C LEU A 136 -16.21 12.88 23.02
N GLY A 137 -17.43 13.40 23.13
CA GLY A 137 -17.67 14.79 22.81
C GLY A 137 -17.50 15.08 21.33
N LEU A 138 -17.79 14.06 20.52
CA LEU A 138 -17.68 14.16 19.07
C LEU A 138 -19.06 14.19 18.43
N ARG A 139 -19.15 14.90 17.31
CA ARG A 139 -20.37 14.97 16.53
C ARG A 139 -20.05 14.54 15.10
N ASN A 140 -21.09 14.24 14.34
CA ASN A 140 -20.91 13.84 12.94
C ASN A 140 -20.19 14.94 12.17
N GLY A 141 -19.28 14.54 11.29
CA GLY A 141 -18.54 15.47 10.46
C GLY A 141 -17.27 16.00 11.10
N ASP A 142 -17.07 15.65 12.36
CA ASP A 142 -15.83 16.04 13.06
C ASP A 142 -14.64 15.34 12.42
N GLU A 143 -13.48 15.99 12.49
CA GLU A 143 -12.23 15.39 12.05
C GLU A 143 -11.31 15.20 13.26
N VAL A 144 -10.54 14.12 13.25
CA VAL A 144 -9.69 13.78 14.38
C VAL A 144 -8.37 13.19 13.90
N ASP A 145 -7.34 13.29 14.74
CA ASP A 145 -6.08 12.60 14.48
C ASP A 145 -6.16 11.21 15.10
N VAL A 146 -5.60 10.23 14.40
CA VAL A 146 -5.60 8.84 14.85
C VAL A 146 -4.17 8.32 14.89
N GLU A 147 -3.76 7.75 16.02
CA GLU A 147 -2.40 7.24 16.18
C GLU A 147 -2.35 5.72 16.20
N ALA A 148 -1.36 5.17 15.50
CA ALA A 148 -1.10 3.74 15.49
C ALA A 148 0.27 3.49 16.07
N GLY A 149 0.40 2.42 16.85
CA GLY A 149 1.68 2.05 17.43
C GLY A 149 2.39 1.05 16.55
N GLY A 150 3.43 0.43 17.09
CA GLY A 150 4.13 -0.64 16.38
C GLY A 150 5.28 -0.13 15.53
N GLU A 151 5.80 -1.01 14.68
CA GLU A 151 7.04 -0.74 13.96
C GLU A 151 6.88 0.18 12.75
N ARG A 152 5.65 0.38 12.29
CA ARG A 152 5.35 1.43 11.31
C ARG A 152 4.39 2.46 11.90
N GLY A 153 4.55 2.71 13.20
CA GLY A 153 3.67 3.62 13.90
C GLY A 153 3.66 5.03 13.33
N GLY A 154 2.54 5.72 13.50
CA GLY A 154 2.43 7.08 13.01
C GLY A 154 1.05 7.64 13.34
N VAL A 155 0.76 8.80 12.76
CA VAL A 155 -0.51 9.47 12.98
C VAL A 155 -1.18 9.83 11.67
N MET A 156 -2.44 9.43 11.54
CA MET A 156 -3.27 9.85 10.42
C MET A 156 -4.02 11.12 10.80
N HIS A 157 -3.92 12.14 9.94
CA HIS A 157 -4.57 13.43 10.17
C HIS A 157 -5.98 13.48 9.62
N ARG A 158 -6.82 14.28 10.29
CA ARG A 158 -8.14 14.66 9.77
C ARG A 158 -8.98 13.46 9.33
N VAL A 159 -9.11 12.49 10.23
CA VAL A 159 -9.96 11.33 10.01
C VAL A 159 -11.41 11.71 10.26
N LEU A 160 -12.26 11.52 9.26
CA LEU A 160 -13.67 11.91 9.36
C LEU A 160 -14.45 11.00 10.28
N ILE A 161 -15.22 11.62 11.18
CA ILE A 161 -16.12 10.91 12.08
C ILE A 161 -17.52 10.84 11.46
N ARG A 162 -18.03 9.62 11.30
CA ARG A 162 -19.34 9.38 10.71
C ARG A 162 -20.24 8.78 11.75
N VAL A 163 -21.10 9.62 12.34
CA VAL A 163 -22.02 9.14 13.36
C VAL A 163 -23.33 8.72 12.71
N ALA A 164 -23.85 7.58 13.15
CA ALA A 164 -25.12 7.07 12.66
C ALA A 164 -25.62 5.98 13.60
N GLU A 165 -26.94 5.84 13.67
CA GLU A 165 -27.55 4.91 14.61
C GLU A 165 -27.17 3.47 14.29
N ALA A 166 -27.13 3.15 13.00
CA ALA A 166 -26.88 1.78 12.56
C ALA A 166 -25.39 1.53 12.36
N SER A 167 -24.56 2.12 13.23
CA SER A 167 -23.12 1.98 13.13
C SER A 167 -22.54 1.25 14.33
N ALA A 168 -21.40 0.58 14.10
CA ALA A 168 -20.57 0.06 15.16
C ALA A 168 -19.28 0.87 15.17
N ASP A 169 -18.61 0.91 16.32
CA ASP A 169 -17.39 1.70 16.42
C ASP A 169 -16.25 0.96 15.72
N GLU A 170 -15.71 1.58 14.67
CA GLU A 170 -14.75 0.92 13.79
C GLU A 170 -14.11 1.93 12.85
N MET A 171 -12.79 1.92 12.76
CA MET A 171 -12.11 2.70 11.73
C MET A 171 -11.96 1.88 10.45
N HIS A 172 -12.26 2.51 9.33
CA HIS A 172 -12.10 1.88 8.01
C HIS A 172 -10.93 2.51 7.27
N ILE A 173 -9.93 1.69 6.93
CA ILE A 173 -8.80 2.10 6.08
C ILE A 173 -8.65 1.07 4.96
N ASP A 174 -8.02 1.44 3.85
CA ASP A 174 -7.79 0.46 2.78
C ASP A 174 -6.48 -0.29 3.01
N VAL A 175 -6.25 -1.30 2.20
CA VAL A 175 -5.20 -2.26 2.48
C VAL A 175 -3.82 -1.59 2.46
N GLU A 176 -3.61 -0.58 1.61
CA GLU A 176 -2.32 0.11 1.57
C GLU A 176 -2.13 0.96 2.83
N GLU A 177 -3.19 1.65 3.23
CA GLU A 177 -3.15 2.42 4.47
C GLU A 177 -2.84 1.53 5.66
N ALA A 178 -3.40 0.33 5.68
CA ALA A 178 -3.16 -0.63 6.76
C ALA A 178 -1.74 -1.15 6.72
N ASN A 179 -1.28 -1.54 5.53
CA ASN A 179 0.06 -2.10 5.40
C ASN A 179 1.15 -1.05 5.69
N ALA A 180 0.85 0.21 5.39
CA ALA A 180 1.73 1.33 5.72
C ALA A 180 1.88 1.54 7.22
N LEU A 181 1.00 0.90 7.99
CA LEU A 181 1.00 1.02 9.45
C LEU A 181 1.14 -0.35 10.11
N CYS A 182 1.40 -1.39 9.31
CA CYS A 182 1.41 -2.78 9.78
C CYS A 182 0.19 -3.12 10.64
N LEU A 183 -0.98 -2.65 10.21
CA LEU A 183 -2.24 -2.98 10.85
C LEU A 183 -2.99 -4.05 10.06
N LYS A 184 -3.81 -4.82 10.74
CA LYS A 184 -4.76 -5.71 10.10
C LYS A 184 -6.09 -5.65 10.83
N ASN A 185 -7.06 -6.42 10.36
CA ASN A 185 -8.38 -6.43 10.98
C ASN A 185 -8.26 -6.71 12.48
N ASP A 186 -8.94 -5.86 13.26
CA ASP A 186 -9.12 -5.98 14.70
C ASP A 186 -7.93 -5.49 15.52
N ASP A 187 -6.94 -4.90 14.88
CA ASP A 187 -5.95 -4.13 15.62
C ASP A 187 -6.59 -2.86 16.15
N VAL A 188 -5.97 -2.27 17.16
CA VAL A 188 -6.54 -1.12 17.85
C VAL A 188 -5.71 0.12 17.61
N VAL A 189 -6.37 1.20 17.21
CA VAL A 189 -5.76 2.50 17.07
C VAL A 189 -6.45 3.47 18.02
N ARG A 190 -5.85 4.65 18.19
CA ARG A 190 -6.30 5.58 19.22
C ARG A 190 -6.60 6.98 18.66
N ILE A 191 -7.79 7.48 18.95
CA ILE A 191 -8.17 8.84 18.59
C ILE A 191 -7.46 9.82 19.51
N CYS A 192 -6.78 10.80 18.91
CA CYS A 192 -5.98 11.75 19.69
C CYS A 192 -6.83 12.85 20.31
N ASP B 4 12.80 25.68 3.28
CA ASP B 4 12.84 25.02 4.58
C ASP B 4 13.87 23.90 4.54
N PRO B 5 14.96 24.02 5.32
CA PRO B 5 16.02 23.01 5.20
C PRO B 5 15.64 21.65 5.78
N PHE B 6 14.55 21.58 6.54
CA PHE B 6 14.09 20.31 7.07
C PHE B 6 13.17 19.57 6.09
N GLN B 7 12.92 20.17 4.93
CA GLN B 7 12.17 19.50 3.88
C GLN B 7 13.08 18.52 3.14
N VAL B 8 12.56 17.35 2.82
CA VAL B 8 13.32 16.31 2.12
C VAL B 8 12.50 15.68 1.00
N ALA B 9 13.17 15.40 -0.12
CA ALA B 9 12.52 14.75 -1.25
C ALA B 9 12.24 13.28 -0.97
N VAL B 10 11.13 12.83 -1.54
CA VAL B 10 10.67 11.46 -1.42
C VAL B 10 11.15 10.61 -2.58
N GLY B 11 11.64 9.41 -2.26
CA GLY B 11 11.93 8.40 -3.25
C GLY B 11 11.08 7.19 -2.96
N VAL B 12 10.19 6.83 -3.89
CA VAL B 12 9.26 5.72 -3.68
C VAL B 12 9.75 4.44 -4.36
N SER B 13 9.83 3.38 -3.57
CA SER B 13 10.37 2.10 -4.03
C SER B 13 9.27 1.08 -4.32
N ASN B 14 9.16 0.70 -5.58
CA ASN B 14 8.44 -0.51 -5.94
C ASN B 14 9.32 -1.71 -5.58
N ARG B 15 8.74 -2.90 -5.58
CA ARG B 15 9.52 -4.12 -5.33
C ARG B 15 10.70 -4.18 -6.29
N HIS B 16 11.83 -4.70 -5.81
CA HIS B 16 13.03 -4.78 -6.64
C HIS B 16 14.03 -5.71 -6.02
N ILE B 17 15.14 -5.93 -6.71
CA ILE B 17 16.17 -6.85 -6.26
C ILE B 17 17.56 -6.27 -6.46
N HIS B 18 18.45 -6.55 -5.52
CA HIS B 18 19.89 -6.32 -5.68
C HIS B 18 20.53 -7.69 -5.80
N LEU B 19 21.51 -7.84 -6.69
CA LEU B 19 22.11 -9.14 -6.97
C LEU B 19 23.58 -9.21 -6.63
N SER B 20 23.99 -10.40 -6.20
CA SER B 20 25.40 -10.74 -6.08
C SER B 20 25.94 -11.17 -7.44
N ARG B 21 27.27 -11.19 -7.60
CA ARG B 21 27.84 -11.64 -8.86
C ARG B 21 27.49 -13.11 -9.10
N THR B 22 27.49 -13.93 -8.06
CA THR B 22 27.20 -15.35 -8.24
C THR B 22 25.80 -15.53 -8.81
N ASP B 23 24.83 -14.79 -8.28
CA ASP B 23 23.46 -14.93 -8.75
C ASP B 23 23.26 -14.25 -10.11
N MET B 24 23.92 -13.12 -10.34
CA MET B 24 23.90 -12.46 -11.65
C MET B 24 24.34 -13.42 -12.74
N ASP B 25 25.43 -14.14 -12.48
CA ASP B 25 25.93 -15.11 -13.43
C ASP B 25 24.90 -16.18 -13.75
N THR B 26 24.26 -16.70 -12.70
CA THR B 26 23.24 -17.74 -12.86
C THR B 26 22.04 -17.23 -13.65
N LEU B 27 21.60 -16.03 -13.33
CA LEU B 27 20.33 -15.50 -13.85
C LEU B 27 20.45 -14.93 -15.25
N PHE B 28 21.59 -14.32 -15.57
CA PHE B 28 21.76 -13.58 -16.82
C PHE B 28 22.94 -14.07 -17.67
N GLY B 29 23.67 -15.05 -17.16
CA GLY B 29 24.79 -15.65 -17.88
C GLY B 29 26.14 -15.26 -17.30
N PRO B 30 27.14 -16.17 -17.39
CA PRO B 30 28.45 -15.87 -16.83
C PRO B 30 29.05 -14.57 -17.35
N GLY B 31 29.40 -13.68 -16.44
CA GLY B 31 30.08 -12.44 -16.77
C GLY B 31 29.14 -11.34 -17.24
N ALA B 32 27.85 -11.61 -17.20
CA ALA B 32 26.88 -10.62 -17.68
C ALA B 32 26.96 -9.36 -16.83
N GLU B 33 26.73 -8.22 -17.47
CA GLU B 33 26.80 -6.93 -16.82
C GLU B 33 25.46 -6.23 -16.86
N LEU B 34 25.08 -5.62 -15.75
CA LEU B 34 23.87 -4.82 -15.71
C LEU B 34 23.98 -3.62 -16.65
N GLN B 35 22.89 -3.32 -17.34
CA GLN B 35 22.80 -2.11 -18.18
C GLN B 35 22.00 -1.04 -17.45
N ARG B 36 22.51 0.18 -17.43
CA ARG B 36 21.80 1.29 -16.80
C ARG B 36 20.54 1.65 -17.57
N LYS B 37 19.46 1.85 -16.83
CA LYS B 37 18.21 2.39 -17.37
C LYS B 37 17.99 3.81 -16.87
N LYS B 38 18.10 3.99 -15.56
CA LYS B 38 17.91 5.29 -14.91
C LYS B 38 18.69 5.37 -13.61
N ALA B 39 19.48 6.42 -13.44
CA ALA B 39 20.14 6.64 -12.17
C ALA B 39 19.13 6.96 -11.06
N MET B 40 19.39 6.44 -9.87
CA MET B 40 18.66 6.83 -8.68
C MET B 40 19.30 8.08 -8.10
N LYS B 41 18.71 8.62 -7.03
CA LYS B 41 19.22 9.81 -6.38
C LYS B 41 20.49 9.51 -5.58
N GLN B 42 20.61 8.28 -5.07
CA GLN B 42 21.79 7.93 -4.28
C GLN B 42 22.95 7.65 -5.22
N PRO B 43 24.10 8.28 -4.95
CA PRO B 43 25.28 8.15 -5.83
C PRO B 43 25.62 6.72 -6.20
N GLY B 44 25.75 6.48 -7.50
CA GLY B 44 26.20 5.20 -8.02
C GLY B 44 25.11 4.18 -8.21
N GLN B 45 23.93 4.44 -7.64
CA GLN B 45 22.83 3.48 -7.71
C GLN B 45 21.98 3.73 -8.96
N PHE B 46 21.44 2.67 -9.55
CA PHE B 46 20.60 2.82 -10.74
C PHE B 46 19.60 1.68 -10.93
N ALA B 47 18.48 2.01 -11.55
CA ALA B 47 17.57 1.00 -12.10
C ALA B 47 18.20 0.45 -13.37
N ALA B 48 18.29 -0.88 -13.43
CA ALA B 48 18.88 -1.57 -14.58
C ALA B 48 17.79 -1.88 -15.59
N GLU B 49 18.18 -2.18 -16.83
CA GLU B 49 17.21 -2.64 -17.83
C GLU B 49 16.69 -4.03 -17.44
N GLU B 50 17.52 -4.78 -16.73
CA GLU B 50 17.25 -6.15 -16.36
C GLU B 50 16.10 -6.29 -15.35
N THR B 51 15.28 -7.32 -15.53
CA THR B 51 14.22 -7.68 -14.59
C THR B 51 14.25 -9.17 -14.32
N VAL B 52 13.64 -9.58 -13.20
CA VAL B 52 13.52 -10.99 -12.84
C VAL B 52 12.08 -11.34 -12.46
N THR B 53 11.82 -12.62 -12.31
CA THR B 53 10.58 -13.11 -11.72
C THR B 53 10.90 -13.60 -10.32
N LEU B 54 10.06 -13.23 -9.36
CA LEU B 54 10.10 -13.77 -8.01
C LEU B 54 9.02 -14.83 -7.89
N LYS B 55 9.37 -16.02 -7.42
CA LYS B 55 8.42 -17.12 -7.26
C LYS B 55 8.43 -17.62 -5.82
N GLY B 56 7.29 -17.46 -5.15
CA GLY B 56 7.13 -17.96 -3.79
C GLY B 56 6.25 -19.21 -3.78
N PRO B 57 5.96 -19.72 -2.58
CA PRO B 57 5.10 -20.91 -2.42
C PRO B 57 3.69 -20.71 -2.97
N LYS B 58 3.20 -19.48 -2.91
CA LYS B 58 1.82 -19.21 -3.33
C LYS B 58 1.72 -18.73 -4.78
N GLY B 59 2.63 -17.85 -5.18
CA GLY B 59 2.56 -17.29 -6.52
C GLY B 59 3.79 -16.50 -6.86
N SER B 60 3.73 -15.84 -8.01
CA SER B 60 4.88 -15.12 -8.56
C SER B 60 4.58 -13.65 -8.82
N LEU B 61 5.67 -12.87 -8.85
CA LEU B 61 5.65 -11.48 -9.25
C LEU B 61 6.64 -11.31 -10.39
N SER B 62 6.15 -10.79 -11.52
CA SER B 62 6.99 -10.68 -12.70
C SER B 62 7.49 -9.25 -12.91
N LYS B 63 8.45 -9.13 -13.82
CA LYS B 63 9.01 -7.84 -14.22
C LYS B 63 9.51 -7.07 -13.00
N VAL B 64 10.21 -7.78 -12.12
CA VAL B 64 10.76 -7.18 -10.90
C VAL B 64 12.14 -6.58 -11.21
N ARG B 65 12.23 -5.27 -11.09
CA ARG B 65 13.40 -4.49 -11.48
C ARG B 65 14.66 -4.86 -10.70
N VAL B 66 15.76 -5.00 -11.41
CA VAL B 66 17.07 -5.14 -10.78
C VAL B 66 17.67 -3.74 -10.58
N LEU B 67 18.27 -3.53 -9.40
CA LEU B 67 18.97 -2.29 -9.09
C LEU B 67 20.44 -2.58 -9.05
N GLY B 68 21.21 -1.76 -9.76
CA GLY B 68 22.65 -1.85 -9.74
C GLY B 68 23.28 -0.81 -8.84
N PRO B 69 24.59 -0.95 -8.57
CA PRO B 69 25.42 -2.03 -9.09
C PRO B 69 25.21 -3.32 -8.31
N LEU B 70 25.93 -4.36 -8.73
CA LEU B 70 25.94 -5.61 -8.00
C LEU B 70 26.47 -5.39 -6.59
N ARG B 71 26.03 -6.24 -5.68
CA ARG B 71 26.40 -6.13 -4.28
C ARG B 71 27.07 -7.43 -3.83
N ARG B 72 27.51 -7.45 -2.58
CA ARG B 72 28.14 -8.61 -1.98
C ARG B 72 27.16 -9.77 -1.78
N GLU B 73 25.88 -9.43 -1.61
CA GLU B 73 24.86 -10.40 -1.21
C GLU B 73 23.50 -10.00 -1.78
N THR B 74 22.78 -10.97 -2.30
CA THR B 74 21.49 -10.71 -2.93
C THR B 74 20.47 -10.29 -1.88
N GLN B 75 19.70 -9.25 -2.21
CA GLN B 75 18.70 -8.70 -1.32
C GLN B 75 17.44 -8.39 -2.13
N VAL B 76 16.30 -8.85 -1.63
CA VAL B 76 15.01 -8.66 -2.28
C VAL B 76 14.12 -7.80 -1.38
N GLU B 77 13.59 -6.71 -1.93
CA GLU B 77 12.70 -5.82 -1.20
C GLU B 77 11.33 -5.87 -1.83
N VAL B 78 10.35 -6.22 -1.00
CA VAL B 78 8.96 -6.33 -1.45
C VAL B 78 8.05 -5.63 -0.44
N SER B 79 6.83 -5.33 -0.87
CA SER B 79 5.86 -4.74 0.03
C SER B 79 5.21 -5.82 0.89
N VAL B 80 4.56 -5.39 1.96
CA VAL B 80 3.71 -6.28 2.76
C VAL B 80 2.73 -7.00 1.84
N ALA B 81 2.05 -6.27 0.97
CA ALA B 81 1.13 -6.89 0.00
C ALA B 81 1.81 -7.98 -0.82
N ASP B 82 3.03 -7.69 -1.25
CA ASP B 82 3.77 -8.63 -2.11
C ASP B 82 4.05 -9.93 -1.38
N GLY B 83 4.35 -9.83 -0.09
CA GLY B 83 4.58 -10.99 0.75
C GLY B 83 3.40 -11.94 0.68
N PHE B 84 2.20 -11.39 0.75
CA PHE B 84 1.01 -12.22 0.74
C PHE B 84 0.81 -12.85 -0.63
N ALA B 85 1.11 -12.12 -1.68
CA ALA B 85 0.99 -12.65 -3.03
C ALA B 85 1.97 -13.80 -3.22
N LEU B 86 3.17 -13.61 -2.69
CA LEU B 86 4.24 -14.60 -2.81
C LEU B 86 4.04 -15.83 -1.93
N GLY B 87 3.46 -15.62 -0.75
CA GLY B 87 3.28 -16.69 0.22
C GLY B 87 4.42 -16.75 1.24
N ILE B 88 5.03 -15.62 1.52
CA ILE B 88 6.05 -15.51 2.58
C ILE B 88 5.78 -14.32 3.50
N THR B 89 6.42 -14.33 4.66
CA THR B 89 6.31 -13.27 5.64
C THR B 89 7.66 -12.60 5.86
N PRO B 90 8.03 -11.65 4.99
CA PRO B 90 9.33 -11.01 5.19
C PRO B 90 9.30 -10.02 6.36
N PRO B 91 10.38 -9.98 7.16
CA PRO B 91 10.39 -9.02 8.27
C PRO B 91 10.71 -7.61 7.79
N LEU B 92 10.38 -6.65 8.64
CA LEU B 92 10.63 -5.24 8.38
C LEU B 92 12.06 -4.89 8.77
N ARG B 93 12.86 -4.46 7.79
CA ARG B 93 14.30 -4.32 7.99
C ARG B 93 14.93 -3.16 7.24
N GLN B 94 16.04 -2.66 7.79
CA GLN B 94 16.94 -1.82 7.03
C GLN B 94 17.74 -2.67 6.06
N SER B 95 18.28 -2.02 5.05
CA SER B 95 19.03 -2.71 4.02
C SER B 95 20.24 -3.41 4.65
N GLY B 96 20.51 -4.64 4.23
CA GLY B 96 21.62 -5.40 4.78
C GLY B 96 21.29 -6.20 6.03
N GLN B 97 20.15 -5.90 6.68
CA GLN B 97 19.75 -6.63 7.89
CA GLN B 97 19.74 -6.63 7.89
C GLN B 97 18.95 -7.87 7.49
N LEU B 98 19.65 -8.90 7.05
CA LEU B 98 19.00 -10.05 6.42
C LEU B 98 19.01 -11.33 7.25
N ASP B 99 19.43 -11.25 8.51
CA ASP B 99 19.35 -12.40 9.39
C ASP B 99 17.88 -12.83 9.55
N ASP B 100 17.66 -14.14 9.52
CA ASP B 100 16.35 -14.71 9.77
C ASP B 100 15.30 -14.14 8.82
N THR B 101 15.64 -14.14 7.53
CA THR B 101 14.70 -13.71 6.49
C THR B 101 14.36 -14.88 5.57
N PRO B 102 13.15 -14.87 5.02
CA PRO B 102 12.79 -15.94 4.09
C PRO B 102 13.44 -15.75 2.74
N GLY B 103 13.41 -16.79 1.93
CA GLY B 103 13.84 -16.69 0.55
C GLY B 103 12.71 -16.94 -0.41
N LEU B 104 13.10 -17.22 -1.65
CA LEU B 104 12.20 -17.55 -2.72
C LEU B 104 13.06 -17.91 -3.92
N THR B 105 12.42 -18.29 -5.01
CA THR B 105 13.11 -18.57 -6.24
C THR B 105 13.16 -17.34 -7.14
N ILE B 106 14.34 -17.05 -7.63
CA ILE B 106 14.56 -15.97 -8.59
CA ILE B 106 14.55 -15.97 -8.58
C ILE B 106 14.79 -16.57 -9.97
N ILE B 107 14.07 -16.06 -10.96
CA ILE B 107 14.20 -16.55 -12.33
C ILE B 107 14.60 -15.42 -13.27
N GLY B 108 15.66 -15.67 -14.04
CA GLY B 108 16.13 -14.77 -15.07
C GLY B 108 16.12 -15.50 -16.39
N PRO B 109 16.53 -14.83 -17.47
CA PRO B 109 16.53 -15.40 -18.81
C PRO B 109 17.46 -16.59 -19.00
N GLN B 110 18.55 -16.67 -18.24
CA GLN B 110 19.55 -17.71 -18.44
C GLN B 110 19.59 -18.75 -17.31
N GLY B 111 18.77 -18.55 -16.28
CA GLY B 111 18.68 -19.54 -15.23
C GLY B 111 17.88 -19.10 -14.03
N SER B 112 17.98 -19.88 -12.96
CA SER B 112 17.26 -19.63 -11.74
C SER B 112 18.05 -20.08 -10.50
N VAL B 113 17.67 -19.53 -9.36
CA VAL B 113 18.26 -19.92 -8.10
C VAL B 113 17.23 -19.76 -6.99
N THR B 114 17.23 -20.71 -6.07
CA THR B 114 16.33 -20.69 -4.93
C THR B 114 17.13 -20.21 -3.72
N LYS B 115 16.86 -18.98 -3.30
CA LYS B 115 17.55 -18.40 -2.15
C LYS B 115 16.89 -18.86 -0.87
N ASP B 116 17.69 -19.12 0.17
CA ASP B 116 17.16 -19.52 1.47
C ASP B 116 16.96 -18.33 2.39
N HIS B 117 17.27 -17.13 1.91
CA HIS B 117 17.17 -15.92 2.72
C HIS B 117 17.30 -14.71 1.83
N GLY B 118 17.03 -13.54 2.40
CA GLY B 118 17.35 -12.28 1.75
C GLY B 118 16.17 -11.41 1.39
N VAL B 119 14.95 -11.84 1.69
CA VAL B 119 13.75 -11.06 1.38
C VAL B 119 13.28 -10.27 2.58
N ILE B 120 13.05 -8.97 2.38
CA ILE B 120 12.60 -8.09 3.45
C ILE B 120 11.47 -7.17 2.97
N VAL B 121 10.67 -6.70 3.91
CA VAL B 121 9.86 -5.50 3.70
C VAL B 121 10.77 -4.34 4.08
N ALA B 122 10.92 -3.35 3.20
CA ALA B 122 11.85 -2.25 3.49
C ALA B 122 11.28 -1.35 4.59
N GLN B 123 12.08 -1.14 5.62
CA GLN B 123 11.75 -0.16 6.65
C GLN B 123 12.17 1.23 6.20
N ARG B 124 11.26 2.19 6.33
CA ARG B 124 11.52 3.56 5.92
C ARG B 124 12.77 4.16 6.58
N HIS B 125 13.32 5.17 5.93
CA HIS B 125 14.56 5.82 6.39
C HIS B 125 14.86 7.04 5.54
N ILE B 126 15.72 7.90 6.07
CA ILE B 126 16.22 9.05 5.35
C ILE B 126 17.72 8.92 5.13
N HIS B 127 18.13 8.95 3.87
CA HIS B 127 19.54 9.10 3.52
C HIS B 127 19.88 10.58 3.66
N MET B 128 21.05 10.87 4.24
CA MET B 128 21.44 12.25 4.50
C MET B 128 22.95 12.44 4.41
N HIS B 129 23.35 13.49 3.71
CA HIS B 129 24.76 13.84 3.60
C HIS B 129 25.26 14.41 4.93
N PRO B 130 26.53 14.18 5.28
CA PRO B 130 27.06 14.68 6.56
C PRO B 130 26.93 16.19 6.72
N SER B 131 27.08 16.93 5.62
CA SER B 131 26.94 18.38 5.69
C SER B 131 25.52 18.78 6.12
N THR B 132 24.51 18.18 5.47
CA THR B 132 23.12 18.42 5.83
C THR B 132 22.84 18.02 7.27
N ALA B 133 23.39 16.88 7.69
CA ALA B 133 23.18 16.42 9.06
C ALA B 133 23.72 17.45 10.05
N ALA B 134 24.89 18.01 9.74
CA ALA B 134 25.50 19.05 10.56
C ALA B 134 24.60 20.28 10.65
N LYS B 135 24.06 20.70 9.51
CA LYS B 135 23.21 21.88 9.44
C LYS B 135 21.90 21.71 10.22
N LEU B 136 21.40 20.48 10.25
CA LEU B 136 20.13 20.18 10.91
C LEU B 136 20.29 19.66 12.34
N GLY B 137 21.52 19.34 12.71
CA GLY B 137 21.81 18.85 14.05
C GLY B 137 21.42 17.41 14.26
N LEU B 138 21.60 16.60 13.22
CA LEU B 138 21.24 15.19 13.25
C LEU B 138 22.48 14.34 13.11
N ARG B 139 22.42 13.14 13.67
CA ARG B 139 23.54 12.20 13.62
C ARG B 139 23.07 10.87 13.07
N ASN B 140 24.00 10.07 12.57
CA ASN B 140 23.70 8.74 12.10
C ASN B 140 23.02 7.93 13.20
N GLY B 141 21.86 7.38 12.88
CA GLY B 141 21.10 6.56 13.82
C GLY B 141 20.03 7.29 14.61
N ASP B 142 19.95 8.61 14.44
CA ASP B 142 18.84 9.36 15.02
C ASP B 142 17.51 8.88 14.43
N GLU B 143 16.46 9.02 15.22
CA GLU B 143 15.10 8.78 14.76
C GLU B 143 14.35 10.10 14.79
N VAL B 144 13.58 10.36 13.74
CA VAL B 144 12.83 11.61 13.62
C VAL B 144 11.39 11.32 13.24
N ASP B 145 10.50 12.24 13.57
CA ASP B 145 9.15 12.23 12.97
C ASP B 145 9.22 12.90 11.62
N VAL B 146 8.36 12.46 10.71
CA VAL B 146 8.28 13.03 9.37
C VAL B 146 6.83 13.30 9.04
N GLU B 147 6.54 14.53 8.60
CA GLU B 147 5.18 14.93 8.31
C GLU B 147 4.94 15.07 6.83
N ALA B 148 3.82 14.50 6.38
CA ALA B 148 3.36 14.64 5.01
C ALA B 148 2.07 15.45 5.00
N GLY B 149 1.97 16.37 4.05
CA GLY B 149 0.77 17.18 3.90
C GLY B 149 -0.24 16.49 3.00
N GLY B 150 -1.33 17.19 2.72
CA GLY B 150 -2.25 16.76 1.69
C GLY B 150 -3.42 15.94 2.18
N GLU B 151 -4.12 15.35 1.22
CA GLU B 151 -5.38 14.65 1.46
C GLU B 151 -5.27 13.39 2.33
N ARG B 152 -4.08 12.79 2.35
CA ARG B 152 -3.81 11.65 3.22
C ARG B 152 -2.66 11.98 4.14
N GLY B 153 -2.55 13.25 4.49
CA GLY B 153 -1.49 13.73 5.36
C GLY B 153 -1.43 13.02 6.69
N GLY B 154 -0.24 13.05 7.30
CA GLY B 154 -0.04 12.45 8.60
C GLY B 154 1.42 12.52 8.99
N VAL B 155 1.76 11.80 10.05
CA VAL B 155 3.13 11.76 10.57
C VAL B 155 3.62 10.32 10.63
N MET B 156 4.81 10.07 10.10
CA MET B 156 5.51 8.81 10.31
C MET B 156 6.45 8.92 11.51
N HIS B 157 6.30 8.01 12.49
CA HIS B 157 7.11 8.04 13.70
C HIS B 157 8.45 7.29 13.60
N ARG B 158 9.41 7.79 14.39
CA ARG B 158 10.75 7.22 14.52
C ARG B 158 11.34 6.70 13.20
N VAL B 159 11.50 7.63 12.26
CA VAL B 159 12.16 7.38 10.98
C VAL B 159 13.67 7.48 11.13
N LEU B 160 14.37 6.41 10.73
CA LEU B 160 15.83 6.35 10.89
C LEU B 160 16.59 7.28 9.96
N ILE B 161 17.57 8.01 10.51
CA ILE B 161 18.47 8.83 9.73
C ILE B 161 19.74 8.04 9.43
N ARG B 162 20.02 7.83 8.15
CA ARG B 162 21.26 7.17 7.74
C ARG B 162 22.20 8.21 7.16
N VAL B 163 23.24 8.56 7.91
CA VAL B 163 24.21 9.56 7.46
C VAL B 163 25.43 8.86 6.89
N ALA B 164 25.82 9.25 5.68
CA ALA B 164 26.98 8.67 5.00
C ALA B 164 27.46 9.63 3.92
N GLU B 165 28.77 9.65 3.69
CA GLU B 165 29.36 10.59 2.73
C GLU B 165 28.83 10.37 1.31
N ALA B 166 28.55 9.13 0.95
CA ALA B 166 28.08 8.81 -0.41
C ALA B 166 26.55 8.80 -0.46
N SER B 167 25.95 9.84 0.10
CA SER B 167 24.50 9.91 0.22
C SER B 167 23.97 11.21 -0.33
N ALA B 168 22.75 11.16 -0.84
CA ALA B 168 22.01 12.34 -1.21
C ALA B 168 20.82 12.42 -0.28
N ASP B 169 20.41 13.64 0.05
CA ASP B 169 19.30 13.83 0.96
C ASP B 169 18.00 13.34 0.34
N GLU B 170 17.47 12.24 0.87
CA GLU B 170 16.30 11.61 0.28
C GLU B 170 15.66 10.67 1.27
N MET B 171 14.32 10.68 1.35
CA MET B 171 13.63 9.69 2.17
C MET B 171 13.15 8.57 1.29
N HIS B 172 13.37 7.35 1.74
CA HIS B 172 12.95 6.14 1.04
C HIS B 172 11.77 5.50 1.76
N ILE B 173 10.65 5.37 1.03
CA ILE B 173 9.49 4.62 1.48
C ILE B 173 9.07 3.69 0.36
N ASP B 174 8.30 2.64 0.67
CA ASP B 174 7.86 1.72 -0.37
C ASP B 174 6.53 2.20 -0.94
N VAL B 175 6.04 1.51 -1.95
CA VAL B 175 4.89 2.02 -2.71
C VAL B 175 3.64 2.10 -1.83
N GLU B 176 3.48 1.18 -0.88
CA GLU B 176 2.28 1.20 -0.03
C GLU B 176 2.34 2.37 0.94
N GLU B 177 3.51 2.61 1.51
CA GLU B 177 3.68 3.73 2.43
C GLU B 177 3.39 5.05 1.72
N ALA B 178 3.83 5.13 0.46
CA ALA B 178 3.67 6.33 -0.33
C ALA B 178 2.20 6.54 -0.70
N ASN B 179 1.53 5.49 -1.13
CA ASN B 179 0.13 5.63 -1.52
C ASN B 179 -0.75 5.92 -0.31
N ALA B 180 -0.37 5.43 0.86
CA ALA B 180 -1.09 5.74 2.10
C ALA B 180 -1.00 7.22 2.49
N LEU B 181 -0.13 7.95 1.80
CA LEU B 181 0.08 9.38 2.03
C LEU B 181 -0.15 10.18 0.76
N CYS B 182 -0.61 9.51 -0.29
CA CYS B 182 -0.74 10.10 -1.62
C CYS B 182 0.54 10.82 -2.08
N LEU B 183 1.68 10.16 -1.82
CA LEU B 183 2.98 10.65 -2.23
C LEU B 183 3.50 9.90 -3.47
N LYS B 184 4.38 10.55 -4.21
CA LYS B 184 5.09 9.91 -5.33
C LYS B 184 6.49 10.49 -5.37
N ASN B 185 7.36 9.93 -6.21
CA ASN B 185 8.73 10.44 -6.38
C ASN B 185 8.76 11.95 -6.50
N ASP B 186 9.72 12.56 -5.80
CA ASP B 186 10.03 13.99 -5.86
C ASP B 186 9.02 14.88 -5.13
N ASP B 187 8.02 14.27 -4.51
CA ASP B 187 7.22 14.99 -3.53
C ASP B 187 8.09 15.33 -2.34
N VAL B 188 7.62 16.26 -1.52
CA VAL B 188 8.38 16.74 -0.38
C VAL B 188 7.66 16.44 0.93
N VAL B 189 8.44 16.04 1.92
CA VAL B 189 7.96 15.85 3.28
C VAL B 189 8.85 16.66 4.21
N ARG B 190 8.48 16.76 5.49
CA ARG B 190 9.24 17.58 6.42
C ARG B 190 9.71 16.80 7.64
N ILE B 191 11.00 16.91 7.93
CA ILE B 191 11.53 16.37 9.17
C ILE B 191 11.10 17.26 10.34
N CYS B 192 10.50 16.65 11.36
CA CYS B 192 10.15 17.36 12.58
C CYS B 192 11.17 17.07 13.68
#